data_6C88
# 
_entry.id   6C88 
# 
_audit_conform.dict_name       mmcif_pdbx.dic 
_audit_conform.dict_version    5.387 
_audit_conform.dict_location   http://mmcif.pdb.org/dictionaries/ascii/mmcif_pdbx.dic 
# 
loop_
_database_2.database_id 
_database_2.database_code 
_database_2.pdbx_database_accession 
_database_2.pdbx_DOI 
PDB   6C88         pdb_00006c88 10.2210/pdb6c88/pdb 
WWPDB D_1000232265 ?            ?                   
# 
loop_
_pdbx_audit_revision_history.ordinal 
_pdbx_audit_revision_history.data_content_type 
_pdbx_audit_revision_history.major_revision 
_pdbx_audit_revision_history.minor_revision 
_pdbx_audit_revision_history.revision_date 
1 'Structure model' 1 0 2018-04-18 
2 'Structure model' 1 1 2018-07-18 
3 'Structure model' 1 2 2018-08-01 
4 'Structure model' 1 3 2024-03-13 
# 
_pdbx_audit_revision_details.ordinal             1 
_pdbx_audit_revision_details.revision_ordinal    1 
_pdbx_audit_revision_details.data_content_type   'Structure model' 
_pdbx_audit_revision_details.provider            repository 
_pdbx_audit_revision_details.type                'Initial release' 
_pdbx_audit_revision_details.description         ? 
_pdbx_audit_revision_details.details             ? 
# 
loop_
_pdbx_audit_revision_group.ordinal 
_pdbx_audit_revision_group.revision_ordinal 
_pdbx_audit_revision_group.data_content_type 
_pdbx_audit_revision_group.group 
1 2 'Structure model' 'Data collection'     
2 2 'Structure model' 'Database references' 
3 3 'Structure model' 'Data collection'     
4 3 'Structure model' 'Database references' 
5 4 'Structure model' 'Data collection'     
6 4 'Structure model' 'Database references' 
# 
loop_
_pdbx_audit_revision_category.ordinal 
_pdbx_audit_revision_category.revision_ordinal 
_pdbx_audit_revision_category.data_content_type 
_pdbx_audit_revision_category.category 
1 2 'Structure model' citation                  
2 3 'Structure model' citation                  
3 3 'Structure model' citation_author           
4 3 'Structure model' pdbx_related_exp_data_set 
5 4 'Structure model' chem_comp_atom            
6 4 'Structure model' chem_comp_bond            
7 4 'Structure model' database_2                
# 
loop_
_pdbx_audit_revision_item.ordinal 
_pdbx_audit_revision_item.revision_ordinal 
_pdbx_audit_revision_item.data_content_type 
_pdbx_audit_revision_item.item 
1 2 'Structure model' '_citation.journal_volume'            
2 2 'Structure model' '_citation.page_first'                
3 2 'Structure model' '_citation.page_last'                 
4 2 'Structure model' '_citation.title'                     
5 4 'Structure model' '_database_2.pdbx_DOI'                
6 4 'Structure model' '_database_2.pdbx_database_accession' 
# 
_pdbx_database_status.status_code                     REL 
_pdbx_database_status.status_code_sf                  REL 
_pdbx_database_status.status_code_mr                  ? 
_pdbx_database_status.entry_id                        6C88 
_pdbx_database_status.recvd_initial_deposition_date   2018-01-24 
_pdbx_database_status.SG_entry                        N 
_pdbx_database_status.deposit_site                    RCSB 
_pdbx_database_status.process_site                    RCSB 
_pdbx_database_status.status_code_cs                  ? 
_pdbx_database_status.methods_development_category    ? 
_pdbx_database_status.pdb_format_compatible           Y 
_pdbx_database_status.status_code_nmr_data            ? 
# 
loop_
_pdbx_database_related.db_name 
_pdbx_database_related.details 
_pdbx_database_related.db_id 
_pdbx_database_related.content_type 
PDB . 6C3F unspecified 
PDB . 6C3G unspecified 
PDB . 6C3S unspecified 
PDB . 6C3T unspecified 
PDB . 6C4O unspecified 
# 
loop_
_audit_author.name 
_audit_author.pdbx_ordinal 
_audit_author.identifier_ORCID 
'Saelices, L.'    1 0000-0002-1904-2150 
'Sawaya, M.R.'    2 0000-0003-0874-9043 
'Eisenberg, D.S.' 3 0000-0003-2432-5419 
# 
loop_
_citation.abstract 
_citation.abstract_id_CAS 
_citation.book_id_ISBN 
_citation.book_publisher 
_citation.book_publisher_city 
_citation.book_title 
_citation.coordinate_linkage 
_citation.country 
_citation.database_id_Medline 
_citation.details 
_citation.id 
_citation.journal_abbrev 
_citation.journal_id_ASTM 
_citation.journal_id_CSD 
_citation.journal_id_ISSN 
_citation.journal_full 
_citation.journal_issue 
_citation.journal_volume 
_citation.language 
_citation.page_first 
_citation.page_last 
_citation.title 
_citation.year 
_citation.database_id_CSD 
_citation.pdbx_database_id_DOI 
_citation.pdbx_database_id_PubMed 
_citation.unpublished_flag 
? ? ? ? ? ? ? US ? ? primary 'Protein Sci.'   PRCIEI 0795 1469-896X ? ? 27  ? 1295  1303  
'Crystal structures of amyloidogenic segments of human transthyretin.' 2018 ? 10.1002/pro.3420        29626847 ? 
? ? ? ? ? ? ? US ? ? 1       'J. Biol. Chem.' JBCHA3 0071 1083-351X ? ? 290 ? 28932 28943 
'Uncovering the Mechanism of Aggregation of Human Transthyretin.'      2015 ? 10.1074/jbc.M115.659912 26459562 ? 
# 
loop_
_citation_author.citation_id 
_citation_author.name 
_citation_author.ordinal 
_citation_author.identifier_ORCID 
primary 'Saelices, L.'    1  ? 
primary 'Sievers, S.A.'   2  ? 
primary 'Sawaya, M.R.'    3  ? 
primary 'Eisenberg, D.S.' 4  ? 
1       'Saelices, L.'    5  ? 
1       'Johnson, L.M.'   6  ? 
1       'Liang, W.Y.'     7  ? 
1       'Sawaya, M.R.'    8  ? 
1       'Cascio, D.'      9  ? 
1       'Ruchala, P.'     10 ? 
1       'Whitelegge, J.'  11 ? 
1       'Jiang, L.'       12 ? 
1       'Riek, R.'        13 ? 
1       'Eisenberg, D.S.' 14 ? 
# 
loop_
_entity.id 
_entity.type 
_entity.src_method 
_entity.pdbx_description 
_entity.formula_weight 
_entity.pdbx_number_of_molecules 
_entity.pdbx_ec 
_entity.pdbx_mutation 
_entity.pdbx_fragment 
_entity.details 
1 polymer     syn VAL-ALA-VAL-HIS-VAL-PHE 671.806 2 ? ? ? ? 
2 non-polymer syn GLYCEROL                92.094  1 ? ? ? ? 
3 water       nat water                   18.015  4 ? ? ? ? 
# 
_entity_poly.entity_id                      1 
_entity_poly.type                           'polypeptide(L)' 
_entity_poly.nstd_linkage                   no 
_entity_poly.nstd_monomer                   no 
_entity_poly.pdbx_seq_one_letter_code       VAVHVF 
_entity_poly.pdbx_seq_one_letter_code_can   VAVHVF 
_entity_poly.pdbx_strand_id                 A,B 
_entity_poly.pdbx_target_identifier         ? 
# 
loop_
_pdbx_entity_nonpoly.entity_id 
_pdbx_entity_nonpoly.name 
_pdbx_entity_nonpoly.comp_id 
2 GLYCEROL GOL 
3 water    HOH 
# 
loop_
_entity_poly_seq.entity_id 
_entity_poly_seq.num 
_entity_poly_seq.mon_id 
_entity_poly_seq.hetero 
1 1 VAL n 
1 2 ALA n 
1 3 VAL n 
1 4 HIS n 
1 5 VAL n 
1 6 PHE n 
# 
_pdbx_entity_src_syn.entity_id              1 
_pdbx_entity_src_syn.pdbx_src_id            1 
_pdbx_entity_src_syn.pdbx_alt_source_flag   sample 
_pdbx_entity_src_syn.pdbx_beg_seq_num       1 
_pdbx_entity_src_syn.pdbx_end_seq_num       6 
_pdbx_entity_src_syn.organism_scientific    'Homo sapiens' 
_pdbx_entity_src_syn.organism_common_name   Human 
_pdbx_entity_src_syn.ncbi_taxonomy_id       9606 
_pdbx_entity_src_syn.details                ? 
# 
loop_
_chem_comp.id 
_chem_comp.type 
_chem_comp.mon_nstd_flag 
_chem_comp.name 
_chem_comp.pdbx_synonyms 
_chem_comp.formula 
_chem_comp.formula_weight 
ALA 'L-peptide linking' y ALANINE       ?                               'C3 H7 N O2'     89.093  
GOL non-polymer         . GLYCEROL      'GLYCERIN; PROPANE-1,2,3-TRIOL' 'C3 H8 O3'       92.094  
HIS 'L-peptide linking' y HISTIDINE     ?                               'C6 H10 N3 O2 1' 156.162 
HOH non-polymer         . WATER         ?                               'H2 O'           18.015  
PHE 'L-peptide linking' y PHENYLALANINE ?                               'C9 H11 N O2'    165.189 
VAL 'L-peptide linking' y VALINE        ?                               'C5 H11 N O2'    117.146 
# 
loop_
_pdbx_poly_seq_scheme.asym_id 
_pdbx_poly_seq_scheme.entity_id 
_pdbx_poly_seq_scheme.seq_id 
_pdbx_poly_seq_scheme.mon_id 
_pdbx_poly_seq_scheme.ndb_seq_num 
_pdbx_poly_seq_scheme.pdb_seq_num 
_pdbx_poly_seq_scheme.auth_seq_num 
_pdbx_poly_seq_scheme.pdb_mon_id 
_pdbx_poly_seq_scheme.auth_mon_id 
_pdbx_poly_seq_scheme.pdb_strand_id 
_pdbx_poly_seq_scheme.pdb_ins_code 
_pdbx_poly_seq_scheme.hetero 
A 1 1 VAL 1 1 1 VAL VAL A . n 
A 1 2 ALA 2 2 2 ALA ALA A . n 
A 1 3 VAL 3 3 3 VAL VAL A . n 
A 1 4 HIS 4 4 4 HIS HIS A . n 
A 1 5 VAL 5 5 5 VAL VAL A . n 
A 1 6 PHE 6 6 6 PHE PHE A . n 
B 1 1 VAL 1 1 1 VAL VAL B . n 
B 1 2 ALA 2 2 2 ALA ALA B . n 
B 1 3 VAL 3 3 3 VAL VAL B . n 
B 1 4 HIS 4 4 4 HIS HIS B . n 
B 1 5 VAL 5 5 5 VAL VAL B . n 
B 1 6 PHE 6 6 6 PHE PHE B . n 
# 
loop_
_pdbx_nonpoly_scheme.asym_id 
_pdbx_nonpoly_scheme.entity_id 
_pdbx_nonpoly_scheme.mon_id 
_pdbx_nonpoly_scheme.ndb_seq_num 
_pdbx_nonpoly_scheme.pdb_seq_num 
_pdbx_nonpoly_scheme.auth_seq_num 
_pdbx_nonpoly_scheme.pdb_mon_id 
_pdbx_nonpoly_scheme.auth_mon_id 
_pdbx_nonpoly_scheme.pdb_strand_id 
_pdbx_nonpoly_scheme.pdb_ins_code 
C 2 GOL 1 101 1 GOL GOL B . 
D 3 HOH 1 101 1 HOH HOH A . 
E 3 HOH 1 201 5 HOH HOH B . 
E 3 HOH 2 202 4 HOH HOH B . 
E 3 HOH 3 203 2 HOH HOH B . 
# 
loop_
_software.citation_id 
_software.classification 
_software.compiler_name 
_software.compiler_version 
_software.contact_author 
_software.contact_author_email 
_software.date 
_software.description 
_software.dependencies 
_software.hardware 
_software.language 
_software.location 
_software.mods 
_software.name 
_software.os 
_software.os_version 
_software.type 
_software.version 
_software.pdbx_ordinal 
? 'data scaling'    ? ? ? ? ? ? ? ? ? ? ? SCALEPACK   ? ? ? .         1 
? refinement        ? ? ? ? ? ? ? ? ? ? ? PHENIX      ? ? ? 1.12_2829 2 
? 'data extraction' ? ? ? ? ? ? ? ? ? ? ? PDB_EXTRACT ? ? ? 3.24      3 
? 'data reduction'  ? ? ? ? ? ? ? ? ? ? ? DENZO       ? ? ? .         4 
? phasing           ? ? ? ? ? ? ? ? ? ? ? PHASER      ? ? ? .         5 
# 
_cell.angle_alpha                  90.000 
_cell.angle_alpha_esd              ? 
_cell.angle_beta                   90.000 
_cell.angle_beta_esd               ? 
_cell.angle_gamma                  90.000 
_cell.angle_gamma_esd              ? 
_cell.entry_id                     6C88 
_cell.details                      ? 
_cell.formula_units_Z              ? 
_cell.length_a                     11.529 
_cell.length_a_esd                 ? 
_cell.length_b                     20.360 
_cell.length_b_esd                 ? 
_cell.length_c                     36.729 
_cell.length_c_esd                 ? 
_cell.volume                       ? 
_cell.volume_esd                   ? 
_cell.Z_PDB                        8 
_cell.reciprocal_angle_alpha       ? 
_cell.reciprocal_angle_beta        ? 
_cell.reciprocal_angle_gamma       ? 
_cell.reciprocal_angle_alpha_esd   ? 
_cell.reciprocal_angle_beta_esd    ? 
_cell.reciprocal_angle_gamma_esd   ? 
_cell.reciprocal_length_a          ? 
_cell.reciprocal_length_b          ? 
_cell.reciprocal_length_c          ? 
_cell.reciprocal_length_a_esd      ? 
_cell.reciprocal_length_b_esd      ? 
_cell.reciprocal_length_c_esd      ? 
_cell.pdbx_unique_axis             ? 
# 
_symmetry.entry_id                         6C88 
_symmetry.cell_setting                     ? 
_symmetry.Int_Tables_number                19 
_symmetry.space_group_name_Hall            ? 
_symmetry.space_group_name_H-M             'P 21 21 21' 
_symmetry.pdbx_full_space_group_name_H-M   ? 
# 
_exptl.absorpt_coefficient_mu     ? 
_exptl.absorpt_correction_T_max   ? 
_exptl.absorpt_correction_T_min   ? 
_exptl.absorpt_correction_type    ? 
_exptl.absorpt_process_details    ? 
_exptl.entry_id                   6C88 
_exptl.crystals_number            1 
_exptl.details                    ? 
_exptl.method                     'X-RAY DIFFRACTION' 
_exptl.method_details             ? 
# 
_exptl_crystal.colour                      ? 
_exptl_crystal.density_diffrn              ? 
_exptl_crystal.density_Matthews            1.6 
_exptl_crystal.density_method              ? 
_exptl_crystal.density_percent_sol         23.32 
_exptl_crystal.description                 ? 
_exptl_crystal.F_000                       ? 
_exptl_crystal.id                          1 
_exptl_crystal.preparation                 ? 
_exptl_crystal.size_max                    ? 
_exptl_crystal.size_mid                    ? 
_exptl_crystal.size_min                    ? 
_exptl_crystal.size_rad                    ? 
_exptl_crystal.colour_lustre               ? 
_exptl_crystal.colour_modifier             ? 
_exptl_crystal.colour_primary              ? 
_exptl_crystal.density_meas                ? 
_exptl_crystal.density_meas_esd            ? 
_exptl_crystal.density_meas_gt             ? 
_exptl_crystal.density_meas_lt             ? 
_exptl_crystal.density_meas_temp           ? 
_exptl_crystal.density_meas_temp_esd       ? 
_exptl_crystal.density_meas_temp_gt        ? 
_exptl_crystal.density_meas_temp_lt        ? 
_exptl_crystal.pdbx_crystal_image_url      ? 
_exptl_crystal.pdbx_crystal_image_format   ? 
_exptl_crystal.pdbx_mosaicity              ? 
_exptl_crystal.pdbx_mosaicity_esd          ? 
# 
_exptl_crystal_grow.apparatus       ? 
_exptl_crystal_grow.atmosphere      ? 
_exptl_crystal_grow.crystal_id      1 
_exptl_crystal_grow.details         ? 
_exptl_crystal_grow.method          'VAPOR DIFFUSION, HANGING DROP' 
_exptl_crystal_grow.method_ref      ? 
_exptl_crystal_grow.pH              7.5 
_exptl_crystal_grow.pressure        ? 
_exptl_crystal_grow.pressure_esd    ? 
_exptl_crystal_grow.seeding         ? 
_exptl_crystal_grow.seeding_ref     ? 
_exptl_crystal_grow.temp            298 
_exptl_crystal_grow.temp_details    ? 
_exptl_crystal_grow.temp_esd        ? 
_exptl_crystal_grow.time            ? 
_exptl_crystal_grow.pdbx_details    
;10mg/ml peptide solution. Reservoir contained 0.2 M Magnesium chloride hexahydrate, 0.1 M HEPES sodium pH 7.5, 30% v/v 2-Propanol. Crystals were soaked in 25% glycerol prior to diffraction
;
_exptl_crystal_grow.pdbx_pH_range   ? 
# 
_diffrn.ambient_environment    ? 
_diffrn.ambient_temp           100 
_diffrn.ambient_temp_details   ? 
_diffrn.ambient_temp_esd       ? 
_diffrn.crystal_id             1 
_diffrn.crystal_support        ? 
_diffrn.crystal_treatment      ? 
_diffrn.details                ? 
_diffrn.id                     1 
_diffrn.ambient_pressure       ? 
_diffrn.ambient_pressure_esd   ? 
_diffrn.ambient_pressure_gt    ? 
_diffrn.ambient_pressure_lt    ? 
_diffrn.ambient_temp_gt        ? 
_diffrn.ambient_temp_lt        ? 
# 
_diffrn_detector.details                      ? 
_diffrn_detector.detector                     CCD 
_diffrn_detector.diffrn_id                    1 
_diffrn_detector.type                         'ADSC QUANTUM 315' 
_diffrn_detector.area_resol_mean              ? 
_diffrn_detector.dtime                        ? 
_diffrn_detector.pdbx_frames_total            ? 
_diffrn_detector.pdbx_collection_time_total   ? 
_diffrn_detector.pdbx_collection_date         2014-02-27 
# 
_diffrn_radiation.collimation                      ? 
_diffrn_radiation.diffrn_id                        1 
_diffrn_radiation.filter_edge                      ? 
_diffrn_radiation.inhomogeneity                    ? 
_diffrn_radiation.monochromator                    ? 
_diffrn_radiation.polarisn_norm                    ? 
_diffrn_radiation.polarisn_ratio                   ? 
_diffrn_radiation.probe                            ? 
_diffrn_radiation.type                             ? 
_diffrn_radiation.xray_symbol                      ? 
_diffrn_radiation.wavelength_id                    1 
_diffrn_radiation.pdbx_monochromatic_or_laue_m_l   M 
_diffrn_radiation.pdbx_wavelength_list             ? 
_diffrn_radiation.pdbx_wavelength                  ? 
_diffrn_radiation.pdbx_diffrn_protocol             'SINGLE WAVELENGTH' 
_diffrn_radiation.pdbx_analyzer                    ? 
_diffrn_radiation.pdbx_scattering_type             x-ray 
# 
_diffrn_radiation_wavelength.id           1 
_diffrn_radiation_wavelength.wavelength   0.9792 
_diffrn_radiation_wavelength.wt           1.0 
# 
_diffrn_source.current                     ? 
_diffrn_source.details                     ? 
_diffrn_source.diffrn_id                   1 
_diffrn_source.power                       ? 
_diffrn_source.size                        ? 
_diffrn_source.source                      SYNCHROTRON 
_diffrn_source.target                      ? 
_diffrn_source.type                        'APS BEAMLINE 24-ID-E' 
_diffrn_source.voltage                     ? 
_diffrn_source.take-off_angle              ? 
_diffrn_source.pdbx_wavelength_list        0.9792 
_diffrn_source.pdbx_wavelength             ? 
_diffrn_source.pdbx_synchrotron_beamline   24-ID-E 
_diffrn_source.pdbx_synchrotron_site       APS 
# 
_reflns.B_iso_Wilson_estimate            4.010 
_reflns.entry_id                         6C88 
_reflns.data_reduction_details           ? 
_reflns.data_reduction_method            ? 
_reflns.d_resolution_high                1.850 
_reflns.d_resolution_low                 100.000 
_reflns.details                          ? 
_reflns.limit_h_max                      ? 
_reflns.limit_h_min                      ? 
_reflns.limit_k_max                      ? 
_reflns.limit_k_min                      ? 
_reflns.limit_l_max                      ? 
_reflns.limit_l_min                      ? 
_reflns.number_all                       ? 
_reflns.number_obs                       744 
_reflns.observed_criterion               ? 
_reflns.observed_criterion_F_max         ? 
_reflns.observed_criterion_F_min         ? 
_reflns.observed_criterion_I_max         ? 
_reflns.observed_criterion_I_min         ? 
_reflns.observed_criterion_sigma_F       ? 
_reflns.observed_criterion_sigma_I       ? 
_reflns.percent_possible_obs             84.300 
_reflns.R_free_details                   ? 
_reflns.Rmerge_F_all                     ? 
_reflns.Rmerge_F_obs                     ? 
_reflns.Friedel_coverage                 ? 
_reflns.number_gt                        ? 
_reflns.threshold_expression             ? 
_reflns.pdbx_redundancy                  3.800 
_reflns.pdbx_Rmerge_I_obs                0.280 
_reflns.pdbx_Rmerge_I_all                ? 
_reflns.pdbx_Rsym_value                  ? 
_reflns.pdbx_netI_over_av_sigmaI         ? 
_reflns.pdbx_netI_over_sigmaI            3.100 
_reflns.pdbx_res_netI_over_av_sigmaI_2   ? 
_reflns.pdbx_res_netI_over_sigmaI_2      ? 
_reflns.pdbx_chi_squared                 1.107 
_reflns.pdbx_scaling_rejects             ? 
_reflns.pdbx_d_res_high_opt              ? 
_reflns.pdbx_d_res_low_opt               ? 
_reflns.pdbx_d_res_opt_method            ? 
_reflns.phase_calculation_details        ? 
_reflns.pdbx_Rrim_I_all                  ? 
_reflns.pdbx_Rpim_I_all                  ? 
_reflns.pdbx_d_opt                       ? 
_reflns.pdbx_number_measured_all         2837 
_reflns.pdbx_diffrn_id                   1 
_reflns.pdbx_ordinal                     1 
_reflns.pdbx_CC_half                     ? 
_reflns.pdbx_R_split                     ? 
# 
loop_
_reflns_shell.d_res_high 
_reflns_shell.d_res_low 
_reflns_shell.meanI_over_sigI_all 
_reflns_shell.meanI_over_sigI_obs 
_reflns_shell.number_measured_all 
_reflns_shell.number_measured_obs 
_reflns_shell.number_possible 
_reflns_shell.number_unique_all 
_reflns_shell.number_unique_obs 
_reflns_shell.percent_possible_all 
_reflns_shell.percent_possible_obs 
_reflns_shell.Rmerge_F_all 
_reflns_shell.Rmerge_F_obs 
_reflns_shell.Rmerge_I_all 
_reflns_shell.Rmerge_I_obs 
_reflns_shell.meanI_over_sigI_gt 
_reflns_shell.meanI_over_uI_all 
_reflns_shell.meanI_over_uI_gt 
_reflns_shell.number_measured_gt 
_reflns_shell.number_unique_gt 
_reflns_shell.percent_possible_gt 
_reflns_shell.Rmerge_F_gt 
_reflns_shell.Rmerge_I_gt 
_reflns_shell.pdbx_redundancy 
_reflns_shell.pdbx_Rsym_value 
_reflns_shell.pdbx_chi_squared 
_reflns_shell.pdbx_netI_over_sigmaI_all 
_reflns_shell.pdbx_netI_over_sigmaI_obs 
_reflns_shell.pdbx_Rrim_I_all 
_reflns_shell.pdbx_Rpim_I_all 
_reflns_shell.pdbx_rejects 
_reflns_shell.pdbx_ordinal 
_reflns_shell.pdbx_diffrn_id 
_reflns_shell.pdbx_CC_half 
_reflns_shell.pdbx_R_split 
1.850 1.920   ? ? ? ? ? ? 71 78.900 ? ? ? ? 0.421 ? ? ? ? ? ? ? ? 2.600 ? 1.093 ? ? ? ? ? 1  1 ? ? 
1.920 1.990   ? ? ? ? ? ? 57 78.100 ? ? ? ? 0.572 ? ? ? ? ? ? ? ? 4.300 ? 1.238 ? ? ? ? ? 2  1 ? ? 
1.990 2.080   ? ? ? ? ? ? 66 78.600 ? ? ? ? 0.507 ? ? ? ? ? ? ? ? 4.300 ? 1.143 ? ? ? ? ? 3  1 ? ? 
2.080 2.190   ? ? ? ? ? ? 67 80.700 ? ? ? ? 0.406 ? ? ? ? ? ? ? ? 3.800 ? 0.934 ? ? ? ? ? 4  1 ? ? 
2.190 2.330   ? ? ? ? ? ? 67 72.000 ? ? ? ? 0.411 ? ? ? ? ? ? ? ? 4.000 ? 0.949 ? ? ? ? ? 5  1 ? ? 
2.330 2.510   ? ? ? ? ? ? 65 83.300 ? ? ? ? 0.396 ? ? ? ? ? ? ? ? 4.000 ? 0.997 ? ? ? ? ? 6  1 ? ? 
2.510 2.760   ? ? ? ? ? ? 81 95.300 ? ? ? ? 0.399 ? ? ? ? ? ? ? ? 4.100 ? 1.124 ? ? ? ? ? 7  1 ? ? 
2.760 3.160   ? ? ? ? ? ? 83 92.200 ? ? ? ? 0.382 ? ? ? ? ? ? ? ? 4.000 ? 1.185 ? ? ? ? ? 8  1 ? ? 
3.160 3.990   ? ? ? ? ? ? 92 91.100 ? ? ? ? 0.161 ? ? ? ? ? ? ? ? 3.700 ? 1.061 ? ? ? ? ? 9  1 ? ? 
3.990 100.000 ? ? ? ? ? ? 95 89.600 ? ? ? ? 0.089 ? ? ? ? ? ? ? ? 3.500 ? 1.286 ? ? ? ? ? 10 1 ? ? 
# 
_refine.aniso_B[1][1]                            ? 
_refine.aniso_B[1][2]                            ? 
_refine.aniso_B[1][3]                            ? 
_refine.aniso_B[2][2]                            ? 
_refine.aniso_B[2][3]                            ? 
_refine.aniso_B[3][3]                            ? 
_refine.B_iso_max                                23.470 
_refine.B_iso_mean                               3.7137 
_refine.B_iso_min                                0.340 
_refine.correlation_coeff_Fo_to_Fc               ? 
_refine.correlation_coeff_Fo_to_Fc_free          ? 
_refine.details                                  ? 
_refine.diff_density_max                         ? 
_refine.diff_density_max_esd                     ? 
_refine.diff_density_min                         ? 
_refine.diff_density_min_esd                     ? 
_refine.diff_density_rms                         ? 
_refine.diff_density_rms_esd                     ? 
_refine.entry_id                                 6C88 
_refine.pdbx_refine_id                           'X-RAY DIFFRACTION' 
_refine.ls_abs_structure_details                 ? 
_refine.ls_abs_structure_Flack                   ? 
_refine.ls_abs_structure_Flack_esd               ? 
_refine.ls_abs_structure_Rogers                  ? 
_refine.ls_abs_structure_Rogers_esd              ? 
_refine.ls_d_res_high                            1.8510 
_refine.ls_d_res_low                             18.3650 
_refine.ls_extinction_coef                       ? 
_refine.ls_extinction_coef_esd                   ? 
_refine.ls_extinction_expression                 ? 
_refine.ls_extinction_method                     ? 
_refine.ls_goodness_of_fit_all                   ? 
_refine.ls_goodness_of_fit_all_esd               ? 
_refine.ls_goodness_of_fit_obs                   ? 
_refine.ls_goodness_of_fit_obs_esd               ? 
_refine.ls_hydrogen_treatment                    ? 
_refine.ls_matrix_type                           ? 
_refine.ls_number_constraints                    ? 
_refine.ls_number_parameters                     ? 
_refine.ls_number_reflns_all                     ? 
_refine.ls_number_reflns_obs                     728 
_refine.ls_number_reflns_R_free                  57 
_refine.ls_number_reflns_R_work                  ? 
_refine.ls_number_restraints                     ? 
_refine.ls_percent_reflns_obs                    84.4500 
_refine.ls_percent_reflns_R_free                 7.8300 
_refine.ls_R_factor_all                          ? 
_refine.ls_R_factor_obs                          0.1723 
_refine.ls_R_factor_R_free                       0.1785 
_refine.ls_R_factor_R_free_error                 ? 
_refine.ls_R_factor_R_free_error_details         ? 
_refine.ls_R_factor_R_work                       0.1706 
_refine.ls_R_Fsqd_factor_obs                     ? 
_refine.ls_R_I_factor_obs                        ? 
_refine.ls_redundancy_reflns_all                 ? 
_refine.ls_redundancy_reflns_obs                 ? 
_refine.ls_restrained_S_all                      ? 
_refine.ls_restrained_S_obs                      ? 
_refine.ls_shift_over_esd_max                    ? 
_refine.ls_shift_over_esd_mean                   ? 
_refine.ls_structure_factor_coef                 ? 
_refine.ls_weighting_details                     ? 
_refine.ls_weighting_scheme                      ? 
_refine.ls_wR_factor_all                         ? 
_refine.ls_wR_factor_obs                         ? 
_refine.ls_wR_factor_R_free                      ? 
_refine.ls_wR_factor_R_work                      ? 
_refine.occupancy_max                            ? 
_refine.occupancy_min                            ? 
_refine.solvent_model_details                    ? 
_refine.solvent_model_param_bsol                 ? 
_refine.solvent_model_param_ksol                 ? 
_refine.ls_R_factor_gt                           ? 
_refine.ls_goodness_of_fit_gt                    ? 
_refine.ls_goodness_of_fit_ref                   ? 
_refine.ls_shift_over_su_max                     ? 
_refine.ls_shift_over_su_max_lt                  ? 
_refine.ls_shift_over_su_mean                    ? 
_refine.ls_shift_over_su_mean_lt                 ? 
_refine.pdbx_ls_sigma_I                          ? 
_refine.pdbx_ls_sigma_F                          1.370 
_refine.pdbx_ls_sigma_Fsqd                       ? 
_refine.pdbx_data_cutoff_high_absF               ? 
_refine.pdbx_data_cutoff_high_rms_absF           ? 
_refine.pdbx_data_cutoff_low_absF                ? 
_refine.pdbx_isotropic_thermal_model             ? 
_refine.pdbx_ls_cross_valid_method               THROUGHOUT 
_refine.pdbx_method_to_determine_struct          'MOLECULAR REPLACEMENT' 
_refine.pdbx_starting_model                      ? 
_refine.pdbx_stereochemistry_target_values       ? 
_refine.pdbx_R_Free_selection_details            ? 
_refine.pdbx_stereochem_target_val_spec_case     ? 
_refine.pdbx_overall_ESU_R                       ? 
_refine.pdbx_overall_ESU_R_Free                  ? 
_refine.pdbx_solvent_vdw_probe_radii             1.1100 
_refine.pdbx_solvent_ion_probe_radii             ? 
_refine.pdbx_solvent_shrinkage_radii             0.9000 
_refine.pdbx_real_space_R                        ? 
_refine.pdbx_density_correlation                 ? 
_refine.pdbx_pd_number_of_powder_patterns        ? 
_refine.pdbx_pd_number_of_points                 ? 
_refine.pdbx_pd_meas_number_of_points            ? 
_refine.pdbx_pd_proc_ls_prof_R_factor            ? 
_refine.pdbx_pd_proc_ls_prof_wR_factor           ? 
_refine.pdbx_pd_Marquardt_correlation_coeff      ? 
_refine.pdbx_pd_Fsqrd_R_factor                   ? 
_refine.pdbx_pd_ls_matrix_band_width             ? 
_refine.pdbx_overall_phase_error                 12.0100 
_refine.pdbx_overall_SU_R_free_Cruickshank_DPI   ? 
_refine.pdbx_overall_SU_R_free_Blow_DPI          ? 
_refine.pdbx_overall_SU_R_Blow_DPI               ? 
_refine.pdbx_TLS_residual_ADP_flag               ? 
_refine.pdbx_diffrn_id                           1 
_refine.overall_SU_B                             ? 
_refine.overall_SU_ML                            0.2200 
_refine.overall_SU_R_Cruickshank_DPI             ? 
_refine.overall_SU_R_free                        ? 
_refine.overall_FOM_free_R_set                   ? 
_refine.overall_FOM_work_R_set                   ? 
_refine.pdbx_average_fsc_overall                 ? 
_refine.pdbx_average_fsc_work                    ? 
_refine.pdbx_average_fsc_free                    ? 
# 
_refine_hist.cycle_id                         final 
_refine_hist.pdbx_refine_id                   'X-RAY DIFFRACTION' 
_refine_hist.d_res_high                       1.8510 
_refine_hist.d_res_low                        18.3650 
_refine_hist.pdbx_number_atoms_ligand         6 
_refine_hist.number_atoms_solvent             4 
_refine_hist.number_atoms_total               106 
_refine_hist.pdbx_number_residues_total       12 
_refine_hist.pdbx_B_iso_mean_ligand           15.47 
_refine_hist.pdbx_B_iso_mean_solvent          6.71 
_refine_hist.pdbx_number_atoms_protein        96 
_refine_hist.pdbx_number_atoms_nucleic_acid   0 
# 
loop_
_refine_ls_restr.pdbx_refine_id 
_refine_ls_restr.criterion 
_refine_ls_restr.dev_ideal 
_refine_ls_restr.dev_ideal_target 
_refine_ls_restr.number 
_refine_ls_restr.rejects 
_refine_ls_restr.type 
_refine_ls_restr.weight 
_refine_ls_restr.pdbx_restraint_function 
'X-RAY DIFFRACTION' ? 0.009  ? 103 ? f_bond_d           ? ? 
'X-RAY DIFFRACTION' ? 0.827  ? 139 ? f_angle_d          ? ? 
'X-RAY DIFFRACTION' ? 0.067  ? 18  ? f_chiral_restr     ? ? 
'X-RAY DIFFRACTION' ? 0.003  ? 16  ? f_plane_restr      ? ? 
'X-RAY DIFFRACTION' ? 10.927 ? 52  ? f_dihedral_angle_d ? ? 
# 
_refine_ls_shell.pdbx_refine_id                   'X-RAY DIFFRACTION' 
_refine_ls_shell.d_res_high                       1.8506 
_refine_ls_shell.d_res_low                        1.917 
_refine_ls_shell.number_reflns_all                ? 
_refine_ls_shell.number_reflns_obs                70 
_refine_ls_shell.number_reflns_R_free             ? 
_refine_ls_shell.number_reflns_R_work             ? 
_refine_ls_shell.percent_reflns_obs               79.55 
_refine_ls_shell.percent_reflns_R_free            8 
_refine_ls_shell.R_factor_all                     ? 
_refine_ls_shell.R_factor_obs                     ? 
_refine_ls_shell.R_factor_R_free                  0.4292 
_refine_ls_shell.R_factor_R_free_error            0.0000 
_refine_ls_shell.R_factor_R_work                  0.1898 
_refine_ls_shell.redundancy_reflns_all            ? 
_refine_ls_shell.redundancy_reflns_obs            ? 
_refine_ls_shell.wR_factor_all                    ? 
_refine_ls_shell.wR_factor_obs                    ? 
_refine_ls_shell.wR_factor_R_free                 ? 
_refine_ls_shell.wR_factor_R_work                 ? 
_refine_ls_shell.pdbx_total_number_of_bins_used   1 
_refine_ls_shell.pdbx_phase_error                 ? 
_refine_ls_shell.pdbx_fsc_work                    ? 
_refine_ls_shell.pdbx_fsc_free                    ? 
# 
_struct.entry_id                     6C88 
_struct.title                        'STRUCTURE OF THE AMYLOID FORMING PEPTIDE VAVHVF FROM TRANSTHYRETIN' 
_struct.pdbx_model_details           ? 
_struct.pdbx_formula_weight          ? 
_struct.pdbx_formula_weight_method   ? 
_struct.pdbx_model_type_details      ? 
_struct.pdbx_CASP_flag               N 
# 
_struct_keywords.entry_id        6C88 
_struct_keywords.text            'amyloid, transthyretin, fibril, PROTEIN FIBRIL' 
_struct_keywords.pdbx_keywords   'PROTEIN FIBRIL' 
# 
loop_
_struct_asym.id 
_struct_asym.pdbx_blank_PDB_chainid_flag 
_struct_asym.pdbx_modified 
_struct_asym.entity_id 
_struct_asym.details 
A N N 1 ? 
B N N 1 ? 
C N N 2 ? 
D N N 3 ? 
E N N 3 ? 
# 
_struct_ref.id                         1 
_struct_ref.db_name                    PDB 
_struct_ref.db_code                    6C88 
_struct_ref.pdbx_db_accession          6C88 
_struct_ref.pdbx_db_isoform            ? 
_struct_ref.entity_id                  1 
_struct_ref.pdbx_seq_one_letter_code   ? 
_struct_ref.pdbx_align_begin           1 
# 
loop_
_struct_ref_seq.align_id 
_struct_ref_seq.ref_id 
_struct_ref_seq.pdbx_PDB_id_code 
_struct_ref_seq.pdbx_strand_id 
_struct_ref_seq.seq_align_beg 
_struct_ref_seq.pdbx_seq_align_beg_ins_code 
_struct_ref_seq.seq_align_end 
_struct_ref_seq.pdbx_seq_align_end_ins_code 
_struct_ref_seq.pdbx_db_accession 
_struct_ref_seq.db_align_beg 
_struct_ref_seq.pdbx_db_align_beg_ins_code 
_struct_ref_seq.db_align_end 
_struct_ref_seq.pdbx_db_align_end_ins_code 
_struct_ref_seq.pdbx_auth_seq_align_beg 
_struct_ref_seq.pdbx_auth_seq_align_end 
1 1 6C88 A 1 ? 6 ? 6C88 1 ? 6 ? 1 6 
2 1 6C88 B 1 ? 6 ? 6C88 1 ? 6 ? 1 6 
# 
_pdbx_struct_assembly.id                   1 
_pdbx_struct_assembly.details              author_defined_assembly 
_pdbx_struct_assembly.method_details       ? 
_pdbx_struct_assembly.oligomeric_details   eicosameric 
_pdbx_struct_assembly.oligomeric_count     20 
# 
_pdbx_struct_assembly_gen.assembly_id       1 
_pdbx_struct_assembly_gen.oper_expression   1,2,3,4,5,6,7,8,9,10 
_pdbx_struct_assembly_gen.asym_id_list      A,B,C,D,E 
# 
_pdbx_struct_assembly_auth_evidence.id                     1 
_pdbx_struct_assembly_auth_evidence.assembly_id            1 
_pdbx_struct_assembly_auth_evidence.experimental_support   'scanning transmission electron microscopy' 
_pdbx_struct_assembly_auth_evidence.details                ? 
# 
loop_
_pdbx_struct_oper_list.id 
_pdbx_struct_oper_list.type 
_pdbx_struct_oper_list.name 
_pdbx_struct_oper_list.symmetry_operation 
_pdbx_struct_oper_list.matrix[1][1] 
_pdbx_struct_oper_list.matrix[1][2] 
_pdbx_struct_oper_list.matrix[1][3] 
_pdbx_struct_oper_list.vector[1] 
_pdbx_struct_oper_list.matrix[2][1] 
_pdbx_struct_oper_list.matrix[2][2] 
_pdbx_struct_oper_list.matrix[2][3] 
_pdbx_struct_oper_list.vector[2] 
_pdbx_struct_oper_list.matrix[3][1] 
_pdbx_struct_oper_list.matrix[3][2] 
_pdbx_struct_oper_list.matrix[3][3] 
_pdbx_struct_oper_list.vector[3] 
1  'identity operation'         1_555 x,y,z           1.0000000000 0.0000000000 0.0000000000 0.0000000000   0.0000000000 1.0000000000  0.0000000000 0.0000000000   0.0000000000 0.0000000000 1.0000000000  0.0000000000  
2  'crystal symmetry operation' 1_455 x-1,y,z         1.0000000000 0.0000000000 0.0000000000 -10.1786862820 0.0000000000 1.0000000000  0.0000000000 -5.2724747488  0.0000000000 0.0000000000 1.0000000000  -1.2301205617 
3  'crystal symmetry operation' 1_655 x+1,y,z         1.0000000000 0.0000000000 0.0000000000 10.1786862820  0.0000000000 1.0000000000  0.0000000000 5.2724747488   0.0000000000 0.0000000000 1.0000000000  1.2301205617  
4  'crystal symmetry operation' 1_355 x-2,y,z         1.0000000000 0.0000000000 0.0000000000 -20.3573725640 0.0000000000 1.0000000000  0.0000000000 -10.5449494975 0.0000000000 0.0000000000 1.0000000000  -2.4602411233 
5  'crystal symmetry operation' 1_755 x+2,y,z         1.0000000000 0.0000000000 0.0000000000 20.3573725640  0.0000000000 1.0000000000  0.0000000000 10.5449494975  0.0000000000 0.0000000000 1.0000000000  2.4602411233  
6  'crystal symmetry operation' 4_545 x+1/2,-y-1/2,-z 0.5589427822 0.8075193818 0.1884022670 9.9690027988   0.8075193818 -0.5817116834 0.0975908057 -7.1308141386  0.1884022670 0.0975908057 -0.9772310988 2.1010997057  
7  'crystal symmetry operation' 4_445 x-1/2,-y-1/2,-z 0.5589427822 0.8075193818 0.1884022670 -0.2096834832  0.8075193818 -0.5817116834 0.0975908057 -12.4032888874 0.1884022670 0.0975908057 -0.9772310988 0.8709791440  
8  'crystal symmetry operation' 4_645 x+3/2,-y-1/2,-z 0.5589427822 0.8075193818 0.1884022670 20.1476890808  0.8075193818 -0.5817116834 0.0975908057 -1.8583393898  0.1884022670 0.0975908057 -0.9772310988 3.3312202674  
9  'crystal symmetry operation' 4_345 x-3/2,-y-1/2,-z 0.5589427822 0.8075193818 0.1884022670 -10.3883697652 0.8075193818 -0.5817116834 0.0975908057 -17.6757636361 0.1884022670 0.0975908057 -0.9772310988 -0.3591414176 
10 'crystal symmetry operation' 4_745 x+5/2,-y-1/2,-z 0.5589427822 0.8075193818 0.1884022670 30.3263753628  0.8075193818 -0.5817116834 0.0975908057 3.4141353589   0.1884022670 0.0975908057 -0.9772310988 4.5613408290 
# 
_struct_sheet.id               AA1 
_struct_sheet.type             ? 
_struct_sheet.number_strands   2 
_struct_sheet.details          ? 
# 
_struct_sheet_order.sheet_id     AA1 
_struct_sheet_order.range_id_1   1 
_struct_sheet_order.range_id_2   2 
_struct_sheet_order.offset       ? 
_struct_sheet_order.sense        anti-parallel 
# 
loop_
_struct_sheet_range.sheet_id 
_struct_sheet_range.id 
_struct_sheet_range.beg_label_comp_id 
_struct_sheet_range.beg_label_asym_id 
_struct_sheet_range.beg_label_seq_id 
_struct_sheet_range.pdbx_beg_PDB_ins_code 
_struct_sheet_range.end_label_comp_id 
_struct_sheet_range.end_label_asym_id 
_struct_sheet_range.end_label_seq_id 
_struct_sheet_range.pdbx_end_PDB_ins_code 
_struct_sheet_range.beg_auth_comp_id 
_struct_sheet_range.beg_auth_asym_id 
_struct_sheet_range.beg_auth_seq_id 
_struct_sheet_range.end_auth_comp_id 
_struct_sheet_range.end_auth_asym_id 
_struct_sheet_range.end_auth_seq_id 
AA1 1 ALA A 2 ? VAL A 5 ? ALA A 2 VAL A 5 
AA1 2 VAL B 3 ? PHE B 6 ? VAL B 3 PHE B 6 
# 
_pdbx_struct_sheet_hbond.sheet_id                AA1 
_pdbx_struct_sheet_hbond.range_id_1              1 
_pdbx_struct_sheet_hbond.range_id_2              2 
_pdbx_struct_sheet_hbond.range_1_label_atom_id   N 
_pdbx_struct_sheet_hbond.range_1_label_comp_id   ALA 
_pdbx_struct_sheet_hbond.range_1_label_asym_id   A 
_pdbx_struct_sheet_hbond.range_1_label_seq_id    2 
_pdbx_struct_sheet_hbond.range_1_PDB_ins_code    ? 
_pdbx_struct_sheet_hbond.range_1_auth_atom_id    N 
_pdbx_struct_sheet_hbond.range_1_auth_comp_id    ALA 
_pdbx_struct_sheet_hbond.range_1_auth_asym_id    A 
_pdbx_struct_sheet_hbond.range_1_auth_seq_id     2 
_pdbx_struct_sheet_hbond.range_2_label_atom_id   O 
_pdbx_struct_sheet_hbond.range_2_label_comp_id   PHE 
_pdbx_struct_sheet_hbond.range_2_label_asym_id   B 
_pdbx_struct_sheet_hbond.range_2_label_seq_id    6 
_pdbx_struct_sheet_hbond.range_2_PDB_ins_code    ? 
_pdbx_struct_sheet_hbond.range_2_auth_atom_id    O 
_pdbx_struct_sheet_hbond.range_2_auth_comp_id    PHE 
_pdbx_struct_sheet_hbond.range_2_auth_asym_id    B 
_pdbx_struct_sheet_hbond.range_2_auth_seq_id     6 
# 
_struct_site.id                   AC1 
_struct_site.pdbx_evidence_code   Software 
_struct_site.pdbx_auth_asym_id    B 
_struct_site.pdbx_auth_comp_id    GOL 
_struct_site.pdbx_auth_seq_id     101 
_struct_site.pdbx_auth_ins_code   ? 
_struct_site.pdbx_num_residues    7 
_struct_site.details              'binding site for residue GOL B 101' 
# 
loop_
_struct_site_gen.id 
_struct_site_gen.site_id 
_struct_site_gen.pdbx_num_res 
_struct_site_gen.label_comp_id 
_struct_site_gen.label_asym_id 
_struct_site_gen.label_seq_id 
_struct_site_gen.pdbx_auth_ins_code 
_struct_site_gen.auth_comp_id 
_struct_site_gen.auth_asym_id 
_struct_site_gen.auth_seq_id 
_struct_site_gen.label_atom_id 
_struct_site_gen.label_alt_id 
_struct_site_gen.symmetry 
_struct_site_gen.details 
1 AC1 7 HIS A 4 ? HIS A 4   . ? 1_455 ? 
2 AC1 7 VAL A 5 ? VAL A 5   . ? 3_355 ? 
3 AC1 7 VAL B 1 ? VAL B 1   . ? 1_555 ? 
4 AC1 7 VAL B 1 ? VAL B 1   . ? 3_355 ? 
5 AC1 7 VAL B 3 ? VAL B 3   . ? 3_355 ? 
6 AC1 7 PHE B 6 ? PHE B 6   . ? 2_355 ? 
7 AC1 7 HOH E . ? HOH B 202 . ? 1_555 ? 
# 
loop_
_chem_comp_atom.comp_id 
_chem_comp_atom.atom_id 
_chem_comp_atom.type_symbol 
_chem_comp_atom.pdbx_aromatic_flag 
_chem_comp_atom.pdbx_stereo_config 
_chem_comp_atom.pdbx_ordinal 
ALA N    N N N 1  
ALA CA   C N S 2  
ALA C    C N N 3  
ALA O    O N N 4  
ALA CB   C N N 5  
ALA OXT  O N N 6  
ALA H    H N N 7  
ALA H2   H N N 8  
ALA HA   H N N 9  
ALA HB1  H N N 10 
ALA HB2  H N N 11 
ALA HB3  H N N 12 
ALA HXT  H N N 13 
GOL C1   C N N 14 
GOL O1   O N N 15 
GOL C2   C N N 16 
GOL O2   O N N 17 
GOL C3   C N N 18 
GOL O3   O N N 19 
GOL H11  H N N 20 
GOL H12  H N N 21 
GOL HO1  H N N 22 
GOL H2   H N N 23 
GOL HO2  H N N 24 
GOL H31  H N N 25 
GOL H32  H N N 26 
GOL HO3  H N N 27 
HIS N    N N N 28 
HIS CA   C N S 29 
HIS C    C N N 30 
HIS O    O N N 31 
HIS CB   C N N 32 
HIS CG   C Y N 33 
HIS ND1  N Y N 34 
HIS CD2  C Y N 35 
HIS CE1  C Y N 36 
HIS NE2  N Y N 37 
HIS OXT  O N N 38 
HIS H    H N N 39 
HIS H2   H N N 40 
HIS HA   H N N 41 
HIS HB2  H N N 42 
HIS HB3  H N N 43 
HIS HD1  H N N 44 
HIS HD2  H N N 45 
HIS HE1  H N N 46 
HIS HE2  H N N 47 
HIS HXT  H N N 48 
HOH O    O N N 49 
HOH H1   H N N 50 
HOH H2   H N N 51 
PHE N    N N N 52 
PHE CA   C N S 53 
PHE C    C N N 54 
PHE O    O N N 55 
PHE CB   C N N 56 
PHE CG   C Y N 57 
PHE CD1  C Y N 58 
PHE CD2  C Y N 59 
PHE CE1  C Y N 60 
PHE CE2  C Y N 61 
PHE CZ   C Y N 62 
PHE OXT  O N N 63 
PHE H    H N N 64 
PHE H2   H N N 65 
PHE HA   H N N 66 
PHE HB2  H N N 67 
PHE HB3  H N N 68 
PHE HD1  H N N 69 
PHE HD2  H N N 70 
PHE HE1  H N N 71 
PHE HE2  H N N 72 
PHE HZ   H N N 73 
PHE HXT  H N N 74 
VAL N    N N N 75 
VAL CA   C N S 76 
VAL C    C N N 77 
VAL O    O N N 78 
VAL CB   C N N 79 
VAL CG1  C N N 80 
VAL CG2  C N N 81 
VAL OXT  O N N 82 
VAL H    H N N 83 
VAL H2   H N N 84 
VAL HA   H N N 85 
VAL HB   H N N 86 
VAL HG11 H N N 87 
VAL HG12 H N N 88 
VAL HG13 H N N 89 
VAL HG21 H N N 90 
VAL HG22 H N N 91 
VAL HG23 H N N 92 
VAL HXT  H N N 93 
# 
loop_
_chem_comp_bond.comp_id 
_chem_comp_bond.atom_id_1 
_chem_comp_bond.atom_id_2 
_chem_comp_bond.value_order 
_chem_comp_bond.pdbx_aromatic_flag 
_chem_comp_bond.pdbx_stereo_config 
_chem_comp_bond.pdbx_ordinal 
ALA N   CA   sing N N 1  
ALA N   H    sing N N 2  
ALA N   H2   sing N N 3  
ALA CA  C    sing N N 4  
ALA CA  CB   sing N N 5  
ALA CA  HA   sing N N 6  
ALA C   O    doub N N 7  
ALA C   OXT  sing N N 8  
ALA CB  HB1  sing N N 9  
ALA CB  HB2  sing N N 10 
ALA CB  HB3  sing N N 11 
ALA OXT HXT  sing N N 12 
GOL C1  O1   sing N N 13 
GOL C1  C2   sing N N 14 
GOL C1  H11  sing N N 15 
GOL C1  H12  sing N N 16 
GOL O1  HO1  sing N N 17 
GOL C2  O2   sing N N 18 
GOL C2  C3   sing N N 19 
GOL C2  H2   sing N N 20 
GOL O2  HO2  sing N N 21 
GOL C3  O3   sing N N 22 
GOL C3  H31  sing N N 23 
GOL C3  H32  sing N N 24 
GOL O3  HO3  sing N N 25 
HIS N   CA   sing N N 26 
HIS N   H    sing N N 27 
HIS N   H2   sing N N 28 
HIS CA  C    sing N N 29 
HIS CA  CB   sing N N 30 
HIS CA  HA   sing N N 31 
HIS C   O    doub N N 32 
HIS C   OXT  sing N N 33 
HIS CB  CG   sing N N 34 
HIS CB  HB2  sing N N 35 
HIS CB  HB3  sing N N 36 
HIS CG  ND1  sing Y N 37 
HIS CG  CD2  doub Y N 38 
HIS ND1 CE1  doub Y N 39 
HIS ND1 HD1  sing N N 40 
HIS CD2 NE2  sing Y N 41 
HIS CD2 HD2  sing N N 42 
HIS CE1 NE2  sing Y N 43 
HIS CE1 HE1  sing N N 44 
HIS NE2 HE2  sing N N 45 
HIS OXT HXT  sing N N 46 
HOH O   H1   sing N N 47 
HOH O   H2   sing N N 48 
PHE N   CA   sing N N 49 
PHE N   H    sing N N 50 
PHE N   H2   sing N N 51 
PHE CA  C    sing N N 52 
PHE CA  CB   sing N N 53 
PHE CA  HA   sing N N 54 
PHE C   O    doub N N 55 
PHE C   OXT  sing N N 56 
PHE CB  CG   sing N N 57 
PHE CB  HB2  sing N N 58 
PHE CB  HB3  sing N N 59 
PHE CG  CD1  doub Y N 60 
PHE CG  CD2  sing Y N 61 
PHE CD1 CE1  sing Y N 62 
PHE CD1 HD1  sing N N 63 
PHE CD2 CE2  doub Y N 64 
PHE CD2 HD2  sing N N 65 
PHE CE1 CZ   doub Y N 66 
PHE CE1 HE1  sing N N 67 
PHE CE2 CZ   sing Y N 68 
PHE CE2 HE2  sing N N 69 
PHE CZ  HZ   sing N N 70 
PHE OXT HXT  sing N N 71 
VAL N   CA   sing N N 72 
VAL N   H    sing N N 73 
VAL N   H2   sing N N 74 
VAL CA  C    sing N N 75 
VAL CA  CB   sing N N 76 
VAL CA  HA   sing N N 77 
VAL C   O    doub N N 78 
VAL C   OXT  sing N N 79 
VAL CB  CG1  sing N N 80 
VAL CB  CG2  sing N N 81 
VAL CB  HB   sing N N 82 
VAL CG1 HG11 sing N N 83 
VAL CG1 HG12 sing N N 84 
VAL CG1 HG13 sing N N 85 
VAL CG2 HG21 sing N N 86 
VAL CG2 HG22 sing N N 87 
VAL CG2 HG23 sing N N 88 
VAL OXT HXT  sing N N 89 
# 
_pdbx_audit_support.funding_organization   'Seventh Framework Programme for Research' 
_pdbx_audit_support.country                'United States' 
_pdbx_audit_support.grant_number           298559 
_pdbx_audit_support.ordinal                1 
# 
_atom_sites.entry_id                    6C88 
_atom_sites.fract_transf_matrix[1][1]   0.07657897 
_atom_sites.fract_transf_matrix[1][2]   0.03966727 
_atom_sites.fract_transf_matrix[1][3]   0.00925477 
_atom_sites.fract_transf_matrix[2][1]   -0.01178917 
_atom_sites.fract_transf_matrix[2][2]   0.03117616 
_atom_sites.fract_transf_matrix[2][3]   -0.03607553 
_atom_sites.fract_transf_matrix[3][1]   -0.01098918 
_atom_sites.fract_transf_matrix[3][2]   0.01695797 
_atom_sites.fract_transf_matrix[3][3]   0.01824610 
_atom_sites.fract_transf_vector[1]      -0.472859 
_atom_sites.fract_transf_vector[2]      -0.042182 
_atom_sites.fract_transf_vector[3]      0.096069 
# 
loop_
_atom_type.symbol 
C 
N 
O 
# 
loop_
_atom_site.group_PDB 
_atom_site.id 
_atom_site.type_symbol 
_atom_site.label_atom_id 
_atom_site.label_alt_id 
_atom_site.label_comp_id 
_atom_site.label_asym_id 
_atom_site.label_entity_id 
_atom_site.label_seq_id 
_atom_site.pdbx_PDB_ins_code 
_atom_site.Cartn_x 
_atom_site.Cartn_y 
_atom_site.Cartn_z 
_atom_site.occupancy 
_atom_site.B_iso_or_equiv 
_atom_site.pdbx_formal_charge 
_atom_site.auth_seq_id 
_atom_site.auth_comp_id 
_atom_site.auth_asym_id 
_atom_site.auth_atom_id 
_atom_site.pdbx_PDB_model_num 
ATOM   1   N N   . VAL A 1 1 ? 9.684   0.508  -5.389 1.00 3.85  ? 1   VAL A N   1 
ATOM   2   C CA  . VAL A 1 1 ? 8.578   -0.156 -4.708 1.00 2.53  ? 1   VAL A CA  1 
ATOM   3   C C   . VAL A 1 1 ? 7.904   0.793  -3.715 1.00 3.92  ? 1   VAL A C   1 
ATOM   4   O O   . VAL A 1 1 ? 8.571   1.519  -2.974 1.00 2.27  ? 1   VAL A O   1 
ATOM   5   C CB  . VAL A 1 1 ? 9.040   -1.438 -3.974 1.00 4.66  ? 1   VAL A CB  1 
ATOM   6   C CG1 . VAL A 1 1 ? 10.102  -1.123 -2.939 1.00 6.26  ? 1   VAL A CG1 1 
ATOM   7   C CG2 . VAL A 1 1 ? 7.852   -2.155 -3.338 1.00 6.52  ? 1   VAL A CG2 1 
ATOM   8   N N   . ALA A 1 2 ? 6.576   0.799  -3.735 1.00 1.61  ? 2   ALA A N   1 
ATOM   9   C CA  . ALA A 1 2 ? 5.790   1.627  -2.844 1.00 0.74  ? 2   ALA A CA  1 
ATOM   10  C C   . ALA A 1 2 ? 4.804   0.748  -2.120 1.00 2.09  ? 2   ALA A C   1 
ATOM   11  O O   . ALA A 1 2 ? 4.028   0.039  -2.756 1.00 1.82  ? 2   ALA A O   1 
ATOM   12  C CB  . ALA A 1 2 ? 5.069   2.714  -3.608 1.00 3.02  ? 2   ALA A CB  1 
ATOM   13  N N   . VAL A 1 3 ? 4.852   0.796  -0.791 1.00 2.04  ? 3   VAL A N   1 
ATOM   14  C CA  . VAL A 1 3 ? 3.944   0.041  0.061  1.00 0.34  ? 3   VAL A CA  1 
ATOM   15  C C   . VAL A 1 3 ? 3.106   1.024  0.873  1.00 1.98  ? 3   VAL A C   1 
ATOM   16  O O   . VAL A 1 3 ? 3.640   1.754  1.696  1.00 1.61  ? 3   VAL A O   1 
ATOM   17  C CB  . VAL A 1 3 ? 4.716   -0.911 0.993  1.00 0.75  ? 3   VAL A CB  1 
ATOM   18  C CG1 . VAL A 1 3 ? 3.767   -1.651 1.929  1.00 0.71  ? 3   VAL A CG1 1 
ATOM   19  C CG2 . VAL A 1 3 ? 5.531   -1.905 0.160  1.00 0.71  ? 3   VAL A CG2 1 
ATOM   20  N N   . HIS A 1 4 ? 1.802   1.053  0.616  1.00 1.25  ? 4   HIS A N   1 
ATOM   21  C CA  . HIS A 1 4 ? 0.910   1.947  1.343  1.00 2.29  ? 4   HIS A CA  1 
ATOM   22  C C   . HIS A 1 4 ? -0.062  1.154  2.216  1.00 2.73  ? 4   HIS A C   1 
ATOM   23  O O   . HIS A 1 4 ? -0.643  0.168  1.770  1.00 1.62  ? 4   HIS A O   1 
ATOM   24  C CB  . HIS A 1 4 ? 0.125   2.837  0.377  1.00 3.72  ? 4   HIS A CB  1 
ATOM   25  C CG  . HIS A 1 4 ? 0.981   3.765  -0.427 1.00 3.57  ? 4   HIS A CG  1 
ATOM   26  N ND1 . HIS A 1 4 ? 0.527   4.386  -1.568 1.00 2.47  ? 4   HIS A ND1 1 
ATOM   27  C CD2 . HIS A 1 4 ? 2.260   4.179  -0.254 1.00 2.42  ? 4   HIS A CD2 1 
ATOM   28  C CE1 . HIS A 1 4 ? 1.491   5.139  -2.071 1.00 5.23  ? 4   HIS A CE1 1 
ATOM   29  N NE2 . HIS A 1 4 ? 2.549   5.039  -1.285 1.00 1.84  ? 4   HIS A NE2 1 
ATOM   30  N N   . VAL A 1 5 ? -0.213  1.590  3.462  1.00 1.09  ? 5   VAL A N   1 
ATOM   31  C CA  . VAL A 1 5 ? -1.213  1.048  4.369  1.00 1.60  ? 5   VAL A CA  1 
ATOM   32  C C   . VAL A 1 5 ? -2.015  2.223  4.944  1.00 1.54  ? 5   VAL A C   1 
ATOM   33  O O   . VAL A 1 5 ? -1.469  3.081  5.639  1.00 1.84  ? 5   VAL A O   1 
ATOM   34  C CB  . VAL A 1 5 ? -0.579  0.223  5.509  1.00 1.51  ? 5   VAL A CB  1 
ATOM   35  C CG1 . VAL A 1 5 ? -1.651  -0.312 6.428  1.00 2.50  ? 5   VAL A CG1 1 
ATOM   36  C CG2 . VAL A 1 5 ? 0.263   -0.926 4.948  1.00 3.81  ? 5   VAL A CG2 1 
ATOM   37  N N   . PHE A 1 6 ? -3.301  2.283  4.618  1.00 2.87  ? 6   PHE A N   1 
ATOM   38  C CA  . PHE A 1 6 ? -4.134  3.389  5.078  1.00 3.91  ? 6   PHE A CA  1 
ATOM   39  C C   . PHE A 1 6 ? -5.615  3.017  5.131  1.00 4.80  ? 6   PHE A C   1 
ATOM   40  O O   . PHE A 1 6 ? -5.976  1.855  4.973  1.00 3.09  ? 6   PHE A O   1 
ATOM   41  C CB  . PHE A 1 6 ? -3.936  4.615  4.186  1.00 2.45  ? 6   PHE A CB  1 
ATOM   42  C CG  . PHE A 1 6 ? -4.358  4.412  2.768  1.00 2.53  ? 6   PHE A CG  1 
ATOM   43  C CD1 . PHE A 1 6 ? -3.469  3.908  1.831  1.00 4.00  ? 6   PHE A CD1 1 
ATOM   44  C CD2 . PHE A 1 6 ? -5.634  4.750  2.360  1.00 2.94  ? 6   PHE A CD2 1 
ATOM   45  C CE1 . PHE A 1 6 ? -3.849  3.730  0.525  1.00 3.91  ? 6   PHE A CE1 1 
ATOM   46  C CE2 . PHE A 1 6 ? -6.021  4.576  1.055  1.00 2.55  ? 6   PHE A CE2 1 
ATOM   47  C CZ  . PHE A 1 6 ? -5.126  4.061  0.131  1.00 6.39  ? 6   PHE A CZ  1 
ATOM   48  O OXT . PHE A 1 6 ? -6.481  3.873  5.337  1.00 3.71  ? 6   PHE A OXT 1 
ATOM   49  N N   . VAL B 1 1 ? -10.047 0.110  4.907  1.00 3.29  ? 1   VAL B N   1 
ATOM   50  C CA  . VAL B 1 1 ? -8.616  -0.128 5.026  1.00 1.86  ? 1   VAL B CA  1 
ATOM   51  C C   . VAL B 1 1 ? -8.079  -0.621 3.691  1.00 4.85  ? 1   VAL B C   1 
ATOM   52  O O   . VAL B 1 1 ? -8.687  -1.474 3.044  1.00 2.52  ? 1   VAL B O   1 
ATOM   53  C CB  . VAL B 1 1 ? -8.318  -1.131 6.153  1.00 3.69  ? 1   VAL B CB  1 
ATOM   54  C CG1 . VAL B 1 1 ? -6.951  -1.750 5.997  1.00 5.05  ? 1   VAL B CG1 1 
ATOM   55  C CG2 . VAL B 1 1 ? -8.445  -0.438 7.505  1.00 4.64  ? 1   VAL B CG2 1 
ATOM   56  N N   . ALA B 1 2 ? -6.961  -0.050 3.269  1.00 4.08  ? 2   ALA B N   1 
ATOM   57  C CA  . ALA B 1 2 ? -6.378  -0.365 1.981  1.00 3.14  ? 2   ALA B CA  1 
ATOM   58  C C   . ALA B 1 2 ? -4.902  -0.674 2.126  1.00 2.46  ? 2   ALA B C   1 
ATOM   59  O O   . ALA B 1 2 ? -4.183  0.037  2.834  1.00 1.12  ? 2   ALA B O   1 
ATOM   60  C CB  . ALA B 1 2 ? -6.575  0.775  1.022  1.00 3.64  ? 2   ALA B CB  1 
ATOM   61  N N   . VAL B 1 3 ? -4.459  -1.742 1.458  1.00 2.21  ? 3   VAL B N   1 
ATOM   62  C CA  . VAL B 1 3 ? -3.042  -2.045 1.343  1.00 1.54  ? 3   VAL B CA  1 
ATOM   63  C C   . VAL B 1 3 ? -2.663  -2.134 -0.133 1.00 2.07  ? 3   VAL B C   1 
ATOM   64  O O   . VAL B 1 3 ? -3.269  -2.882 -0.902 1.00 0.80  ? 3   VAL B O   1 
ATOM   65  C CB  . VAL B 1 3 ? -2.663  -3.361 2.058  1.00 2.59  ? 3   VAL B CB  1 
ATOM   66  C CG1 . VAL B 1 3 ? -1.156  -3.632 1.934  1.00 1.99  ? 3   VAL B CG1 1 
ATOM   67  C CG2 . VAL B 1 3 ? -3.069  -3.314 3.518  1.00 1.83  ? 3   VAL B CG2 1 
ATOM   68  N N   . HIS B 1 4 ? -1.667  -1.341 -0.518 1.00 1.70  ? 4   HIS B N   1 
ATOM   69  C CA  . HIS B 1 4 ? -1.168  -1.320 -1.880 1.00 0.88  ? 4   HIS B CA  1 
ATOM   70  C C   . HIS B 1 4 ? 0.298   -1.687 -1.911 1.00 1.46  ? 4   HIS B C   1 
ATOM   71  O O   . HIS B 1 4 ? 1.087   -1.240 -1.070 1.00 1.50  ? 4   HIS B O   1 
ATOM   72  C CB  . HIS B 1 4 ? -1.336  0.056  -2.509 1.00 2.40  ? 4   HIS B CB  1 
ATOM   73  C CG  . HIS B 1 4 ? -2.754  0.498  -2.640 1.00 1.91  ? 4   HIS B CG  1 
ATOM   74  N ND1 . HIS B 1 4 ? -3.101  1.806  -2.883 1.00 3.48  ? 4   HIS B ND1 1 
ATOM   75  C CD2 . HIS B 1 4 ? -3.914  -0.194 -2.572 1.00 0.89  ? 4   HIS B CD2 1 
ATOM   76  C CE1 . HIS B 1 4 ? -4.415  1.905  -2.957 1.00 2.53  ? 4   HIS B CE1 1 
ATOM   77  N NE2 . HIS B 1 4 ? -4.934  0.707  -2.766 1.00 2.30  ? 4   HIS B NE2 1 
ATOM   78  N N   . VAL B 1 5 ? 0.665   -2.487 -2.900 1.00 1.91  ? 5   VAL B N   1 
ATOM   79  C CA  . VAL B 1 5 ? 2.061   -2.712 -3.215 1.00 1.46  ? 5   VAL B CA  1 
ATOM   80  C C   . VAL B 1 5 ? 2.234   -2.567 -4.727 1.00 2.21  ? 5   VAL B C   1 
ATOM   81  O O   . VAL B 1 5 ? 1.680   -3.349 -5.495 1.00 1.66  ? 5   VAL B O   1 
ATOM   82  C CB  . VAL B 1 5 ? 2.549   -4.106 -2.765 1.00 1.51  ? 5   VAL B CB  1 
ATOM   83  C CG1 . VAL B 1 5 ? 3.998   -4.308 -3.190 1.00 4.36  ? 5   VAL B CG1 1 
ATOM   84  C CG2 . VAL B 1 5 ? 2.395   -4.279 -1.256 1.00 2.51  ? 5   VAL B CG2 1 
ATOM   85  N N   . PHE B 1 6 ? 2.994   -1.559 -5.144 1.00 4.01  ? 6   PHE B N   1 
ATOM   86  C CA  . PHE B 1 6 ? 3.267   -1.327 -6.554 1.00 3.25  ? 6   PHE B CA  1 
ATOM   87  C C   . PHE B 1 6 ? 4.768   -1.239 -6.824 1.00 6.17  ? 6   PHE B C   1 
ATOM   88  O O   . PHE B 1 6 ? 5.508   -0.708 -5.988 1.00 3.68  ? 6   PHE B O   1 
ATOM   89  C CB  . PHE B 1 6 ? 2.582   -0.036 -7.028 1.00 3.12  ? 6   PHE B CB  1 
ATOM   90  C CG  . PHE B 1 6 ? 1.099   -0.025 -6.809 1.00 3.83  ? 6   PHE B CG  1 
ATOM   91  C CD1 . PHE B 1 6 ? 0.290   -0.946 -7.448 1.00 4.26  ? 6   PHE B CD1 1 
ATOM   92  C CD2 . PHE B 1 6 ? 0.511   0.914  -5.975 1.00 6.55  ? 6   PHE B CD2 1 
ATOM   93  C CE1 . PHE B 1 6 ? -1.086  -0.943 -7.253 1.00 5.71  ? 6   PHE B CE1 1 
ATOM   94  C CE2 . PHE B 1 6 ? -0.867  0.921  -5.775 1.00 5.48  ? 6   PHE B CE2 1 
ATOM   95  C CZ  . PHE B 1 6 ? -1.664  -0.014 -6.420 1.00 5.58  ? 6   PHE B CZ  1 
ATOM   96  O OXT . PHE B 1 6 ? 5.263   -1.682 -7.878 1.00 2.66  ? 6   PHE B OXT 1 
HETATM 97  C C1  . GOL C 2 . ? -9.984  2.315  2.536  1.00 7.85  ? 101 GOL B C1  1 
HETATM 98  O O1  . GOL C 2 . ? -10.727 1.995  3.679  1.00 10.08 ? 101 GOL B O1  1 
HETATM 99  C C2  . GOL C 2 . ? -11.002 2.518  1.443  1.00 19.69 ? 101 GOL B C2  1 
HETATM 100 O O2  . GOL C 2 . ? -10.681 3.712  0.773  1.00 23.47 ? 101 GOL B O2  1 
HETATM 101 C C3  . GOL C 2 . ? -10.953 1.310  0.516  1.00 9.90  ? 101 GOL B C3  1 
HETATM 102 O O3  . GOL C 2 . ? -9.992  1.504  -0.502 1.00 21.85 ? 101 GOL B O3  1 
HETATM 103 O O   . HOH D 3 . ? -1.676  4.320  -3.075 1.00 6.70  ? 101 HOH A O   1 
HETATM 104 O O   . HOH E 3 . ? 6.674   -0.961 -9.748 1.00 7.92  ? 201 HOH B O   1 
HETATM 105 O O   . HOH E 3 . ? -9.085  3.354  5.195  1.00 4.30  ? 202 HOH B O   1 
HETATM 106 O O   . HOH E 3 . ? 7.213   1.534  -7.233 1.00 7.94  ? 203 HOH B O   1 
# 
